data_4IFI
#
_entry.id   4IFI
#
_cell.length_a   65.220
_cell.length_b   65.220
_cell.length_c   91.356
_cell.angle_alpha   90.00
_cell.angle_beta   90.00
_cell.angle_gamma   120.00
#
_symmetry.space_group_name_H-M   'P 32 2 1'
#
loop_
_entity.id
_entity.type
_entity.pdbx_description
1 polymer 'Breast cancer type 1 susceptibility protein'
2 polymer 'BAAT peptide'
3 non-polymer 'ACETATE ION'
4 water water
#
loop_
_entity_poly.entity_id
_entity_poly.type
_entity_poly.pdbx_seq_one_letter_code
_entity_poly.pdbx_strand_id
1 'polypeptide(L)'
;VNKRMSMVVSGLTPEEFMLVYKFARKHHITLTNLITEETTHVVMKTDAEFVCERTLKYFLGIAGGKWVVSYFWVTQSIKE
RKMLNEHDFEVRGDVVNGRNHQGPKRARESQDRKIFRGLEICCYGPFTNMPTDQLEWMVQLCGASVVKELSSFTLGTGVH
PIVVVQPDAWTEDNGFHAIGQMCEAPVVTREWVLDSVALYQCQELDTYLIPQIP
;
A
2 'polypeptide(L)' R(SEP)PVFS B
#
loop_
_chem_comp.id
_chem_comp.type
_chem_comp.name
_chem_comp.formula
ACT non-polymer 'ACETATE ION' 'C2 H3 O2 -1'
#
# COMPACT_ATOMS: atom_id res chain seq x y z
N ARG A 4 6.24 12.83 -17.60
CA ARG A 4 5.21 13.86 -17.28
C ARG A 4 4.34 13.36 -16.14
N MET A 5 3.54 14.26 -15.57
CA MET A 5 2.58 13.98 -14.52
C MET A 5 1.46 13.03 -14.93
N SER A 6 1.08 12.13 -14.01
CA SER A 6 0.05 11.17 -14.30
C SER A 6 -0.71 10.84 -13.02
N MET A 7 -1.99 11.19 -12.96
CA MET A 7 -2.70 11.12 -11.69
C MET A 7 -3.72 10.05 -11.65
N VAL A 8 -3.96 9.63 -10.42
CA VAL A 8 -5.03 8.76 -10.08
C VAL A 8 -5.57 9.32 -8.77
N VAL A 9 -6.77 8.91 -8.43
CA VAL A 9 -7.53 9.50 -7.37
C VAL A 9 -8.02 8.36 -6.45
N SER A 10 -8.24 8.62 -5.16
CA SER A 10 -8.77 7.60 -4.26
C SER A 10 -9.61 8.25 -3.17
N GLY A 11 -10.78 7.67 -2.93
CA GLY A 11 -11.58 8.02 -1.74
C GLY A 11 -12.46 9.21 -2.02
N LEU A 12 -12.71 9.49 -3.28
CA LEU A 12 -13.42 10.69 -3.66
C LEU A 12 -14.81 10.34 -4.14
N THR A 13 -15.79 11.22 -3.87
CA THR A 13 -17.10 11.07 -4.52
C THR A 13 -17.01 11.38 -6.01
N PRO A 14 -17.52 10.44 -6.89
CA PRO A 14 -17.56 10.88 -8.31
C PRO A 14 -18.02 12.31 -8.57
N GLU A 15 -18.63 12.96 -7.59
CA GLU A 15 -18.74 14.39 -7.68
C GLU A 15 -17.33 14.95 -7.71
N GLU A 16 -16.55 14.69 -6.66
CA GLU A 16 -15.28 15.38 -6.48
C GLU A 16 -14.31 14.91 -7.54
N PHE A 17 -14.49 13.69 -8.01
CA PHE A 17 -13.73 13.20 -9.13
C PHE A 17 -13.99 14.11 -10.33
N MET A 18 -15.20 14.64 -10.41
CA MET A 18 -15.58 15.53 -11.49
C MET A 18 -14.66 16.72 -11.57
N LEU A 19 -14.35 17.29 -10.41
CA LEU A 19 -13.53 18.47 -10.37
C LEU A 19 -12.13 18.18 -10.81
N VAL A 20 -11.65 16.99 -10.44
CA VAL A 20 -10.32 16.53 -10.80
C VAL A 20 -10.25 16.35 -12.31
N TYR A 21 -11.25 15.71 -12.87
CA TYR A 21 -11.31 15.53 -14.32
C TYR A 21 -11.28 16.91 -15.06
N LYS A 22 -12.13 17.84 -14.60
CA LYS A 22 -12.16 19.20 -15.17
C LYS A 22 -10.77 19.87 -15.08
N PHE A 23 -10.13 19.73 -13.92
CA PHE A 23 -8.80 20.28 -13.67
C PHE A 23 -7.76 19.63 -14.56
N ALA A 24 -7.84 18.32 -14.72
CA ALA A 24 -6.86 17.60 -15.51
C ALA A 24 -7.05 17.94 -16.98
N ARG A 25 -8.30 18.00 -17.41
CA ARG A 25 -8.59 18.44 -18.76
C ARG A 25 -8.06 19.85 -18.99
N LYS A 26 -8.37 20.77 -18.07
CA LYS A 26 -7.90 22.17 -18.20
C LYS A 26 -6.38 22.20 -18.42
N HIS A 27 -5.66 21.42 -17.62
CA HIS A 27 -4.20 21.53 -17.61
C HIS A 27 -3.45 20.51 -18.48
N HIS A 28 -4.19 19.67 -19.19
CA HIS A 28 -3.61 18.60 -19.99
C HIS A 28 -2.79 17.62 -19.17
N ILE A 29 -3.25 17.30 -17.96
CA ILE A 29 -2.57 16.34 -17.11
C ILE A 29 -3.22 14.94 -17.23
N THR A 30 -2.41 13.92 -17.39
CA THR A 30 -2.88 12.56 -17.52
C THR A 30 -3.60 12.16 -16.27
N LEU A 31 -4.85 11.70 -16.40
CA LEU A 31 -5.63 11.20 -15.30
C LEU A 31 -6.13 9.82 -15.70
N THR A 32 -5.93 8.80 -14.87
CA THR A 32 -6.31 7.45 -15.29
C THR A 32 -7.12 6.86 -14.13
N ASN A 33 -7.89 5.81 -14.38
CA ASN A 33 -8.64 5.31 -13.29
C ASN A 33 -7.80 4.25 -12.58
N LEU A 34 -6.75 3.70 -13.20
CA LEU A 34 -6.00 2.61 -12.49
C LEU A 34 -4.59 3.01 -12.27
N ILE A 35 -4.06 2.67 -11.13
CA ILE A 35 -2.72 3.11 -10.83
C ILE A 35 -1.71 2.15 -11.50
N THR A 36 -0.62 2.67 -12.05
CA THR A 36 0.37 1.85 -12.76
C THR A 36 1.77 2.28 -12.36
N GLU A 37 2.77 1.66 -12.96
CA GLU A 37 4.13 2.02 -12.66
C GLU A 37 4.35 3.46 -12.96
N GLU A 38 3.72 3.95 -14.03
CA GLU A 38 3.88 5.33 -14.50
C GLU A 38 3.13 6.41 -13.71
N THR A 39 2.13 6.00 -12.93
CA THR A 39 1.41 6.99 -12.10
C THR A 39 2.41 7.84 -11.32
N THR A 40 2.22 9.16 -11.27
CA THR A 40 3.14 9.88 -10.44
C THR A 40 2.49 10.46 -9.21
N HIS A 41 1.16 10.64 -9.24
CA HIS A 41 0.43 11.31 -8.15
C HIS A 41 -0.79 10.49 -7.81
N VAL A 42 -0.93 10.16 -6.54
CA VAL A 42 -2.15 9.54 -6.03
C VAL A 42 -2.80 10.61 -5.19
N VAL A 43 -3.94 11.12 -5.66
CA VAL A 43 -4.65 12.18 -5.00
C VAL A 43 -5.67 11.56 -4.00
N MET A 44 -5.41 11.70 -2.70
CA MET A 44 -6.29 11.11 -1.65
C MET A 44 -7.25 12.11 -1.02
N LYS A 45 -8.46 11.65 -0.74
CA LYS A 45 -9.34 12.36 0.20
C LYS A 45 -8.60 12.40 1.56
N THR A 46 -8.48 13.59 2.13
CA THR A 46 -7.91 13.77 3.48
C THR A 46 -8.82 14.66 4.33
N ASP A 47 -8.68 14.62 5.67
CA ASP A 47 -9.27 15.68 6.50
C ASP A 47 -8.38 16.93 6.33
N ALA A 48 -8.51 17.89 7.23
CA ALA A 48 -7.84 19.18 7.07
C ALA A 48 -6.34 19.04 7.32
N GLU A 49 -5.96 18.02 8.09
CA GLU A 49 -4.56 17.90 8.43
C GLU A 49 -3.83 16.96 7.48
N PHE A 50 -4.45 16.66 6.35
CA PHE A 50 -3.85 15.79 5.32
C PHE A 50 -3.68 14.34 5.84
N VAL A 51 -4.65 13.88 6.63
CA VAL A 51 -4.72 12.48 7.09
C VAL A 51 -5.84 11.79 6.34
N CYS A 52 -5.54 10.62 5.78
CA CYS A 52 -6.47 9.95 4.89
C CYS A 52 -6.77 8.57 5.38
N GLU A 53 -7.70 7.92 4.68
CA GLU A 53 -7.98 6.51 4.91
C GLU A 53 -7.12 5.66 3.97
N ARG A 54 -6.89 4.41 4.38
CA ARG A 54 -6.08 3.47 3.64
C ARG A 54 -6.86 2.70 2.60
N THR A 55 -6.63 3.00 1.33
CA THR A 55 -7.26 2.25 0.29
C THR A 55 -6.12 1.56 -0.38
N LEU A 56 -6.39 0.58 -1.24
CA LEU A 56 -5.31 -0.07 -2.03
C LEU A 56 -4.41 0.97 -2.77
N LYS A 57 -5.02 1.90 -3.51
CA LYS A 57 -4.23 2.94 -4.20
C LYS A 57 -3.27 3.66 -3.27
N TYR A 58 -3.70 3.92 -2.03
CA TYR A 58 -2.85 4.49 -1.00
C TYR A 58 -1.58 3.66 -0.76
N PHE A 59 -1.77 2.37 -0.54
CA PHE A 59 -0.62 1.52 -0.29
C PHE A 59 0.31 1.48 -1.48
N LEU A 60 -0.29 1.46 -2.68
CA LEU A 60 0.48 1.22 -3.90
C LEU A 60 1.18 2.48 -4.26
N GLY A 61 0.59 3.63 -3.91
CA GLY A 61 1.25 4.93 -4.15
C GLY A 61 2.48 5.03 -3.25
N ILE A 62 2.30 4.70 -1.98
CA ILE A 62 3.45 4.64 -1.04
C ILE A 62 4.49 3.60 -1.48
N ALA A 63 4.04 2.39 -1.78
CA ALA A 63 4.97 1.34 -2.21
C ALA A 63 5.78 1.73 -3.46
N GLY A 64 5.18 2.53 -4.37
CA GLY A 64 5.89 2.89 -5.62
C GLY A 64 6.63 4.20 -5.43
N GLY A 65 6.64 4.71 -4.21
CA GLY A 65 7.30 5.96 -3.85
C GLY A 65 6.77 7.16 -4.62
N LYS A 66 5.46 7.16 -4.87
CA LYS A 66 4.83 8.19 -5.68
C LYS A 66 4.54 9.42 -4.83
N TRP A 67 4.29 10.55 -5.44
CA TRP A 67 3.69 11.65 -4.73
C TRP A 67 2.35 11.19 -4.21
N VAL A 68 2.12 11.26 -2.91
CA VAL A 68 0.82 10.90 -2.36
C VAL A 68 0.33 12.15 -1.67
N VAL A 69 -0.76 12.71 -2.17
CA VAL A 69 -1.08 14.10 -1.99
C VAL A 69 -2.58 14.23 -1.72
N SER A 70 -2.95 15.20 -0.89
CA SER A 70 -4.31 15.46 -0.56
C SER A 70 -5.07 16.02 -1.75
N TYR A 71 -6.33 15.61 -1.90
CA TYR A 71 -7.29 16.27 -2.78
C TYR A 71 -7.24 17.81 -2.75
N PHE A 72 -6.78 18.35 -1.64
CA PHE A 72 -6.81 19.78 -1.47
C PHE A 72 -5.77 20.44 -2.37
N TRP A 73 -4.76 19.66 -2.78
CA TRP A 73 -3.79 20.15 -3.76
C TRP A 73 -4.52 20.54 -5.06
N VAL A 74 -5.55 19.75 -5.40
CA VAL A 74 -6.32 19.99 -6.62
C VAL A 74 -7.23 21.21 -6.40
N THR A 75 -7.98 21.24 -5.29
CA THR A 75 -8.94 22.33 -5.09
C THR A 75 -8.26 23.65 -4.84
N GLN A 76 -7.20 23.65 -4.04
CA GLN A 76 -6.41 24.87 -3.85
C GLN A 76 -5.73 25.34 -5.14
N SER A 77 -5.34 24.38 -5.97
CA SER A 77 -4.71 24.68 -7.24
C SER A 77 -5.69 25.33 -8.21
N ILE A 78 -6.87 24.75 -8.33
CA ILE A 78 -7.95 25.44 -9.01
C ILE A 78 -8.11 26.86 -8.42
N LYS A 79 -8.35 26.97 -7.10
CA LYS A 79 -8.61 28.29 -6.49
C LYS A 79 -7.53 29.33 -6.83
N GLU A 80 -6.26 28.97 -6.74
CA GLU A 80 -5.16 29.87 -7.15
C GLU A 80 -4.75 29.79 -8.62
N ARG A 81 -5.51 29.07 -9.45
CA ARG A 81 -5.25 28.98 -10.89
C ARG A 81 -3.74 28.80 -11.17
N LYS A 82 -3.13 27.85 -10.46
CA LYS A 82 -1.69 27.59 -10.55
C LYS A 82 -1.43 26.22 -9.97
N MET A 83 -0.56 25.48 -10.62
CA MET A 83 -0.11 24.19 -10.13
C MET A 83 0.67 24.39 -8.85
N LEU A 84 0.03 24.21 -7.72
CA LEU A 84 0.76 24.30 -6.46
C LEU A 84 1.77 23.16 -6.18
N ASN A 85 2.57 23.34 -5.15
CA ASN A 85 3.65 22.44 -4.83
C ASN A 85 3.18 21.24 -3.97
N GLU A 86 3.40 20.03 -4.47
CA GLU A 86 3.00 18.80 -3.81
C GLU A 86 3.42 18.79 -2.35
N HIS A 87 4.61 19.30 -2.08
CA HIS A 87 5.13 19.24 -0.74
C HIS A 87 4.18 19.86 0.25
N ASP A 88 3.47 20.92 -0.20
CA ASP A 88 2.61 21.64 0.71
C ASP A 88 1.37 20.84 1.05
N PHE A 89 1.13 19.76 0.29
CA PHE A 89 -0.09 18.98 0.40
C PHE A 89 0.13 17.47 0.54
N GLU A 90 1.37 17.05 0.81
CA GLU A 90 1.73 15.63 0.90
C GLU A 90 0.93 15.02 2.04
N VAL A 91 0.34 13.88 1.82
CA VAL A 91 -0.36 13.16 2.90
C VAL A 91 0.64 12.85 4.01
N ARG A 92 0.20 13.09 5.25
CA ARG A 92 1.04 13.05 6.43
C ARG A 92 0.90 11.77 7.25
N GLY A 93 -0.26 11.16 7.14
CA GLY A 93 -0.56 9.98 7.97
C GLY A 93 -1.93 9.44 7.60
N ASP A 94 -2.35 8.35 8.24
CA ASP A 94 -3.67 7.83 7.94
C ASP A 94 -4.33 7.50 9.26
N VAL A 95 -5.66 7.27 9.24
CA VAL A 95 -6.45 7.12 10.45
C VAL A 95 -6.12 5.80 11.15
N VAL A 96 -5.20 5.00 10.61
CA VAL A 96 -4.88 3.75 11.28
C VAL A 96 -3.50 3.78 11.93
N ASN A 97 -2.51 4.17 11.17
CA ASN A 97 -1.12 4.10 11.59
C ASN A 97 -0.56 5.41 12.19
N GLY A 98 -1.40 6.43 12.37
CA GLY A 98 -0.94 7.69 12.97
C GLY A 98 -1.09 8.89 12.06
N ARG A 99 -1.43 10.01 12.65
CA ARG A 99 -1.84 11.21 11.93
C ARG A 99 -0.62 11.91 11.35
N ASN A 100 0.58 11.51 11.77
CA ASN A 100 1.76 12.17 11.25
C ASN A 100 2.94 11.25 11.10
N HIS A 101 2.73 10.02 10.67
CA HIS A 101 3.88 9.10 10.54
C HIS A 101 4.76 9.42 9.33
N GLN A 102 4.22 10.11 8.31
CA GLN A 102 5.07 10.58 7.21
C GLN A 102 5.64 9.42 6.33
N GLY A 103 4.99 8.24 6.34
CA GLY A 103 5.23 7.18 5.34
C GLY A 103 5.47 7.61 3.92
N PRO A 104 4.53 8.39 3.35
CA PRO A 104 4.64 8.77 1.93
C PRO A 104 5.99 9.44 1.63
N LYS A 105 6.39 10.38 2.49
CA LYS A 105 7.75 10.98 2.41
C LYS A 105 8.91 9.98 2.57
N ARG A 106 8.79 9.08 3.52
CA ARG A 106 9.87 8.12 3.75
C ARG A 106 10.03 7.23 2.54
N ALA A 107 8.90 6.73 2.03
CA ALA A 107 8.93 5.89 0.83
C ALA A 107 9.52 6.66 -0.33
N ARG A 108 9.18 7.94 -0.50
CA ARG A 108 9.81 8.70 -1.59
C ARG A 108 11.31 8.79 -1.38
N GLU A 109 11.73 8.74 -0.14
CA GLU A 109 13.10 9.04 0.25
C GLU A 109 13.95 7.76 0.44
N SER A 110 13.40 6.61 0.18
CA SER A 110 14.00 5.33 0.57
C SER A 110 14.02 4.32 -0.57
N GLN A 111 13.97 4.82 -1.80
CA GLN A 111 14.00 3.95 -2.95
C GLN A 111 15.29 3.13 -3.02
N ASP A 112 16.38 3.61 -2.42
CA ASP A 112 17.63 2.87 -2.33
C ASP A 112 17.69 1.89 -1.16
N ARG A 113 16.71 1.91 -0.26
CA ARG A 113 16.72 0.98 0.88
C ARG A 113 15.28 0.56 1.15
N LYS A 114 14.77 -0.27 0.24
CA LYS A 114 13.38 -0.62 0.23
C LYS A 114 13.13 -1.53 1.40
N ILE A 115 11.97 -1.36 2.04
CA ILE A 115 11.72 -2.00 3.34
C ILE A 115 11.75 -3.55 3.30
N PHE A 116 11.39 -4.19 2.17
CA PHE A 116 11.33 -5.66 2.11
C PHE A 116 12.54 -6.28 1.37
N ARG A 117 13.53 -5.46 1.06
CA ARG A 117 14.73 -6.00 0.46
C ARG A 117 15.30 -7.16 1.29
N GLY A 118 15.57 -8.29 0.64
CA GLY A 118 16.12 -9.44 1.36
C GLY A 118 15.08 -10.41 1.83
N LEU A 119 13.80 -10.13 1.58
CA LEU A 119 12.71 -10.99 2.05
C LEU A 119 12.16 -11.74 0.89
N GLU A 120 11.63 -12.94 1.14
CA GLU A 120 10.77 -13.63 0.15
C GLU A 120 9.39 -13.69 0.74
N ILE A 121 8.37 -13.35 -0.01
CA ILE A 121 7.08 -13.38 0.61
C ILE A 121 6.08 -14.23 -0.16
N CYS A 122 5.41 -15.15 0.57
CA CYS A 122 4.32 -15.86 -0.06
C CYS A 122 2.99 -15.34 0.48
N CYS A 123 2.20 -14.83 -0.44
CA CYS A 123 0.85 -14.38 -0.12
C CYS A 123 -0.07 -15.57 -0.29
N TYR A 124 -0.45 -16.15 0.83
CA TYR A 124 -1.07 -17.46 0.85
C TYR A 124 -2.53 -17.46 1.32
N GLY A 125 -3.34 -18.26 0.63
CA GLY A 125 -4.70 -18.60 1.12
C GLY A 125 -5.61 -17.50 0.64
N PRO A 126 -6.91 -17.59 0.95
CA PRO A 126 -7.86 -16.60 0.45
C PRO A 126 -7.60 -15.20 1.03
N PHE A 127 -7.98 -14.19 0.25
CA PHE A 127 -7.96 -12.79 0.71
C PHE A 127 -9.29 -12.17 0.30
N THR A 128 -9.61 -11.03 0.89
CA THR A 128 -10.82 -10.36 0.50
C THR A 128 -10.42 -8.94 0.22
N ASN A 129 -11.14 -8.32 -0.71
CA ASN A 129 -11.05 -6.88 -0.91
C ASN A 129 -9.75 -6.39 -1.51
N MET A 130 -8.84 -7.28 -1.88
CA MET A 130 -7.53 -6.89 -2.45
C MET A 130 -7.00 -8.12 -3.19
N PRO A 131 -6.99 -8.08 -4.53
CA PRO A 131 -6.58 -9.23 -5.31
C PRO A 131 -5.17 -9.65 -4.91
N THR A 132 -4.95 -10.93 -4.74
CA THR A 132 -3.66 -11.41 -4.33
C THR A 132 -2.51 -10.77 -5.13
N ASP A 133 -2.68 -10.66 -6.43
CA ASP A 133 -1.53 -10.24 -7.21
C ASP A 133 -1.22 -8.75 -7.06
N GLN A 134 -2.16 -7.98 -6.50
CA GLN A 134 -1.95 -6.58 -6.12
C GLN A 134 -1.19 -6.46 -4.76
N LEU A 135 -1.57 -7.31 -3.81
CA LEU A 135 -0.76 -7.53 -2.61
C LEU A 135 0.71 -7.92 -3.00
N GLU A 136 0.83 -8.86 -3.94
CA GLU A 136 2.13 -9.28 -4.44
C GLU A 136 2.89 -8.14 -5.12
N TRP A 137 2.20 -7.37 -5.95
CA TRP A 137 2.81 -6.23 -6.56
C TRP A 137 3.32 -5.28 -5.48
N MET A 138 2.49 -5.08 -4.46
CA MET A 138 2.80 -4.17 -3.35
C MET A 138 4.07 -4.59 -2.63
N VAL A 139 4.23 -5.88 -2.33
CA VAL A 139 5.46 -6.29 -1.65
C VAL A 139 6.65 -6.22 -2.59
N GLN A 140 6.40 -6.50 -3.88
CA GLN A 140 7.50 -6.51 -4.87
C GLN A 140 8.05 -5.09 -5.01
N LEU A 141 7.16 -4.11 -5.13
CA LEU A 141 7.51 -2.68 -5.14
C LEU A 141 8.41 -2.28 -3.96
N CYS A 142 8.16 -2.91 -2.84
CA CYS A 142 8.86 -2.63 -1.60
C CYS A 142 10.09 -3.53 -1.48
N GLY A 143 10.43 -4.20 -2.57
CA GLY A 143 11.71 -4.88 -2.62
C GLY A 143 11.72 -6.37 -2.33
N ALA A 144 10.57 -6.96 -1.98
CA ALA A 144 10.52 -8.39 -1.65
C ALA A 144 10.50 -9.16 -2.95
N SER A 145 11.06 -10.35 -2.97
CA SER A 145 10.82 -11.21 -4.12
C SER A 145 9.61 -12.06 -3.73
N VAL A 146 8.73 -12.24 -4.72
CA VAL A 146 7.40 -12.84 -4.58
C VAL A 146 7.49 -14.33 -4.88
N VAL A 147 6.97 -15.14 -3.97
CA VAL A 147 6.94 -16.60 -4.12
C VAL A 147 5.47 -16.98 -4.10
N LYS A 148 5.04 -17.84 -5.03
CA LYS A 148 3.64 -18.14 -5.18
C LYS A 148 3.18 -19.44 -4.53
N GLU A 149 4.09 -20.38 -4.24
CA GLU A 149 3.69 -21.56 -3.47
C GLU A 149 4.70 -21.86 -2.39
N LEU A 150 4.20 -22.32 -1.25
CA LEU A 150 5.04 -22.73 -0.10
C LEU A 150 6.19 -23.62 -0.53
N SER A 151 5.95 -24.57 -1.40
CA SER A 151 7.01 -25.50 -1.75
C SER A 151 8.05 -24.78 -2.59
N SER A 152 7.77 -23.54 -3.02
CA SER A 152 8.69 -22.78 -3.86
C SER A 152 9.57 -21.74 -3.15
N PHE A 153 9.54 -21.64 -1.83
CA PHE A 153 10.52 -20.76 -1.13
C PHE A 153 11.90 -21.23 -1.49
N THR A 154 12.78 -20.28 -1.80
CA THR A 154 14.17 -20.55 -1.98
C THR A 154 14.73 -20.89 -0.59
N LEU A 155 15.57 -21.90 -0.48
CA LEU A 155 16.16 -22.25 0.79
C LEU A 155 17.57 -21.64 0.89
N GLY A 156 18.09 -21.63 2.11
CA GLY A 156 19.37 -21.08 2.43
C GLY A 156 19.27 -20.20 3.65
N THR A 157 20.39 -20.02 4.34
CA THR A 157 20.44 -19.12 5.50
C THR A 157 20.50 -17.64 5.10
N GLY A 158 20.76 -17.34 3.82
CA GLY A 158 20.70 -15.95 3.36
C GLY A 158 19.29 -15.52 2.94
N VAL A 159 18.36 -16.48 2.91
CA VAL A 159 16.99 -16.21 2.49
C VAL A 159 16.17 -16.01 3.75
N HIS A 160 15.25 -15.06 3.72
CA HIS A 160 14.33 -14.86 4.85
C HIS A 160 12.92 -15.03 4.36
N PRO A 161 12.35 -16.24 4.47
CA PRO A 161 10.97 -16.42 3.96
C PRO A 161 9.94 -15.87 4.95
N ILE A 162 8.78 -15.42 4.45
CA ILE A 162 7.65 -14.98 5.29
C ILE A 162 6.37 -15.41 4.60
N VAL A 163 5.43 -15.95 5.36
CA VAL A 163 4.14 -16.29 4.80
C VAL A 163 3.12 -15.29 5.33
N VAL A 164 2.33 -14.71 4.43
CA VAL A 164 1.35 -13.69 4.79
C VAL A 164 -0.08 -14.16 4.54
N VAL A 165 -0.93 -14.11 5.55
CA VAL A 165 -2.29 -14.58 5.39
C VAL A 165 -3.30 -13.64 6.02
N GLN A 166 -4.56 -13.77 5.61
CA GLN A 166 -5.60 -12.96 6.19
C GLN A 166 -6.55 -13.92 6.90
N PRO A 167 -6.34 -14.13 8.21
CA PRO A 167 -7.08 -15.20 8.93
C PRO A 167 -8.58 -15.15 8.77
N ASP A 168 -9.19 -13.96 8.73
CA ASP A 168 -10.64 -14.01 8.65
C ASP A 168 -11.24 -14.03 7.28
N ALA A 169 -10.40 -14.20 6.26
CA ALA A 169 -10.90 -14.59 4.94
C ALA A 169 -11.06 -16.12 4.94
N TRP A 170 -10.44 -16.83 5.87
CA TRP A 170 -10.50 -18.32 5.86
C TRP A 170 -11.88 -18.90 6.24
N THR A 171 -12.17 -20.11 5.73
CA THR A 171 -13.38 -20.85 6.09
C THR A 171 -13.30 -21.26 7.55
N GLU A 172 -14.44 -21.22 8.26
CA GLU A 172 -14.51 -21.49 9.70
C GLU A 172 -13.49 -22.53 10.27
N ASP A 173 -12.84 -23.33 9.42
CA ASP A 173 -11.75 -24.25 9.84
C ASP A 173 -10.41 -23.49 10.05
N ASN A 174 -9.73 -23.75 11.16
CA ASN A 174 -8.47 -23.04 11.56
C ASN A 174 -7.18 -23.61 10.91
N GLY A 175 -7.22 -23.74 9.58
CA GLY A 175 -6.18 -24.39 8.80
C GLY A 175 -4.97 -23.53 8.60
N PHE A 176 -5.07 -22.27 8.99
CA PHE A 176 -3.97 -21.39 8.83
C PHE A 176 -3.02 -21.52 10.02
N HIS A 177 -3.25 -22.53 10.84
CA HIS A 177 -2.30 -22.87 11.87
C HIS A 177 -1.48 -24.05 11.46
N ALA A 178 -1.82 -24.66 10.33
CA ALA A 178 -1.12 -25.83 9.90
C ALA A 178 -0.21 -25.52 8.73
N ILE A 179 0.04 -24.25 8.50
CA ILE A 179 0.90 -23.86 7.42
C ILE A 179 2.36 -24.12 7.80
N GLY A 180 2.62 -24.11 9.10
CA GLY A 180 3.97 -24.25 9.60
C GLY A 180 4.59 -25.63 9.44
N GLN A 181 3.78 -26.67 9.30
CA GLN A 181 4.32 -28.01 9.01
C GLN A 181 4.61 -28.18 7.50
N MET A 182 4.21 -27.21 6.69
CA MET A 182 4.40 -27.28 5.25
C MET A 182 5.63 -26.49 4.78
N CYS A 183 6.18 -25.65 5.65
CA CYS A 183 7.38 -24.86 5.30
C CYS A 183 8.00 -24.29 6.55
N GLU A 184 9.19 -23.71 6.42
CA GLU A 184 10.00 -23.31 7.57
C GLU A 184 9.86 -21.80 8.03
N ALA A 185 9.00 -21.03 7.38
CA ALA A 185 8.85 -19.58 7.60
C ALA A 185 7.92 -19.13 8.73
N PRO A 186 8.18 -17.95 9.30
CA PRO A 186 7.16 -17.29 10.13
C PRO A 186 5.91 -16.97 9.33
N VAL A 187 4.78 -16.96 10.03
CA VAL A 187 3.51 -16.79 9.39
C VAL A 187 2.85 -15.54 9.99
N VAL A 188 2.58 -14.52 9.17
CA VAL A 188 2.04 -13.30 9.75
C VAL A 188 0.74 -12.89 9.09
N THR A 189 -0.07 -12.12 9.80
CA THR A 189 -1.27 -11.54 9.21
C THR A 189 -0.87 -10.53 8.10
N ARG A 190 -1.86 -10.20 7.27
CA ARG A 190 -1.69 -9.24 6.19
C ARG A 190 -1.50 -7.81 6.71
N GLU A 191 -1.96 -7.55 7.92
CA GLU A 191 -1.73 -6.26 8.56
C GLU A 191 -0.26 -6.01 8.79
N TRP A 192 0.54 -7.07 8.88
CA TRP A 192 1.98 -6.87 8.94
C TRP A 192 2.45 -6.10 7.73
N VAL A 193 2.07 -6.57 6.54
CA VAL A 193 2.41 -5.87 5.30
C VAL A 193 1.88 -4.44 5.27
N LEU A 194 0.63 -4.29 5.64
CA LEU A 194 -0.09 -3.06 5.37
C LEU A 194 0.45 -1.96 6.27
N ASP A 195 0.67 -2.30 7.53
CA ASP A 195 1.28 -1.38 8.46
C ASP A 195 2.70 -1.00 8.05
N SER A 196 3.55 -2.00 7.77
CA SER A 196 4.89 -1.68 7.29
C SER A 196 4.85 -0.73 6.06
N VAL A 197 3.95 -1.01 5.12
CA VAL A 197 3.92 -0.24 3.86
C VAL A 197 3.48 1.18 4.17
N ALA A 198 2.47 1.30 5.02
CA ALA A 198 1.88 2.61 5.33
C ALA A 198 2.91 3.50 6.04
N LEU A 199 3.76 2.86 6.81
CA LEU A 199 4.68 3.58 7.66
C LEU A 199 5.99 3.72 6.93
N TYR A 200 6.02 3.19 5.72
CA TYR A 200 7.24 2.78 5.04
C TYR A 200 8.38 2.42 5.97
N GLN A 201 8.08 1.46 6.84
CA GLN A 201 9.04 0.95 7.78
C GLN A 201 8.66 -0.49 8.03
N CYS A 202 9.64 -1.38 7.86
CA CYS A 202 9.41 -2.80 8.12
C CYS A 202 9.08 -3.04 9.60
N GLN A 203 7.89 -3.52 9.94
CA GLN A 203 7.57 -3.72 11.36
C GLN A 203 8.14 -5.05 11.83
N GLU A 204 8.38 -5.20 13.13
CA GLU A 204 8.67 -6.53 13.72
C GLU A 204 7.49 -7.46 13.46
N LEU A 205 7.74 -8.76 13.28
CA LEU A 205 6.66 -9.73 13.04
C LEU A 205 5.84 -9.96 14.29
N ASP A 206 6.48 -9.75 15.41
CA ASP A 206 6.02 -10.28 16.69
C ASP A 206 4.52 -10.13 16.90
N THR A 207 3.97 -8.92 16.80
CA THR A 207 2.54 -8.74 17.07
C THR A 207 1.62 -9.20 15.96
N TYR A 208 2.19 -9.74 14.89
CA TYR A 208 1.43 -10.24 13.74
C TYR A 208 1.61 -11.73 13.55
N LEU A 209 2.55 -12.36 14.28
CA LEU A 209 2.77 -13.81 14.11
C LEU A 209 1.53 -14.63 14.40
N ILE A 210 1.24 -15.61 13.57
CA ILE A 210 0.17 -16.56 13.86
C ILE A 210 0.77 -17.88 14.33
N PRO A 211 0.43 -18.32 15.56
CA PRO A 211 1.07 -19.53 16.08
C PRO A 211 0.77 -20.71 15.17
N GLN A 212 1.75 -21.59 15.00
CA GLN A 212 1.61 -22.76 14.12
C GLN A 212 1.62 -24.06 14.93
N ILE A 213 0.68 -24.92 14.66
CA ILE A 213 0.62 -26.23 15.29
C ILE A 213 1.90 -27.03 14.87
N PRO A 214 2.45 -27.86 15.78
CA PRO A 214 3.74 -28.43 15.36
C PRO A 214 3.55 -29.48 14.26
N ARG B 1 -17.35 3.21 -2.27
CA ARG B 1 -17.07 2.11 -3.22
C ARG B 1 -15.63 1.47 -3.06
N SEP B 2 -14.54 2.24 -3.16
CA SEP B 2 -13.16 1.63 -3.03
CB SEP B 2 -12.05 2.66 -3.22
OG SEP B 2 -11.66 2.83 -4.61
C SEP B 2 -12.93 1.05 -1.65
O SEP B 2 -13.07 1.78 -0.67
P SEP B 2 -10.80 4.14 -5.00
O1P SEP B 2 -10.59 3.93 -6.48
O2P SEP B 2 -11.58 5.36 -4.48
O3P SEP B 2 -9.52 4.00 -4.23
N PRO B 3 -12.55 -0.24 -1.51
CA PRO B 3 -12.44 -0.72 -0.10
C PRO B 3 -11.44 0.07 0.78
N VAL B 4 -11.77 0.21 2.08
CA VAL B 4 -10.92 0.83 3.11
C VAL B 4 -10.36 -0.29 3.97
N PHE B 5 -9.17 -0.07 4.54
CA PHE B 5 -8.49 -1.12 5.29
C PHE B 5 -8.18 -0.55 6.63
N SER B 6 -9.05 -0.89 7.58
CA SER B 6 -8.85 -0.53 8.99
C SER B 6 -8.34 -1.75 9.75
C ACT C . -16.68 13.35 -13.54
O ACT C . -16.51 13.05 -12.35
OXT ACT C . -17.23 14.38 -13.91
CH3 ACT C . -16.21 12.46 -14.61
#